data_5WXL
#
_entry.id   5WXL
#
_cell.length_a   71.791
_cell.length_b   71.791
_cell.length_c   268.905
_cell.angle_alpha   90.000
_cell.angle_beta   90.000
_cell.angle_gamma   120.000
#
_symmetry.space_group_name_H-M   'P 32 2 1'
#
loop_
_entity.id
_entity.type
_entity.pdbx_description
1 polymer 'Ribosome biogenesis protein RPF2'
2 polymer 'Regulator of ribosome biosynthesis'
3 water water
#
loop_
_entity_poly.entity_id
_entity_poly.type
_entity_poly.pdbx_seq_one_letter_code
_entity_poly.pdbx_strand_id
1 'polypeptide(L)'
;SREAKLVENVKQALFIPGQSCNKNLHDIMVDLSALKKPDMKRFNRKNDIHPFEDMSPLEFFSEKNDCSLMVLMTSSKKRK
NNMTFIRTFGYKIYDMIELMVADNFKLLSDFKKLTFTVGLKPMFTFQGAAFDTHPVYKQIKSLFLDFFRGESTDLQDVAG
LQHVISMTIQGDFQDGEPLPNVLFRVYKLKSYKSDQGGKRLPRIELVEIGPRLDFKIGRIHTPSPDMVTEAHKKPKQLEM
KTKKNVELDIMGDKLGRIHMGKQDLGKLQTR
;
A,C
2 'polypeptide(L)'
;GPEAVYDLGNLAAFDSNVLDKNDLDSSNARREEKIKSLTRDNVQLLINQLLSLPMKTTTESVGGTGGQSSVMTLLQLPDP
TTDLPREKPLPKAKAMTKWEKFAAKK
;
B,D
#
# COMPACT_ATOMS: atom_id res chain seq x y z
N ARG A 2 22.27 -9.47 19.23
CA ARG A 2 22.00 -8.86 20.53
C ARG A 2 20.62 -9.28 21.04
N GLU A 3 20.60 -9.91 22.21
CA GLU A 3 19.36 -10.48 22.73
C GLU A 3 18.39 -9.38 23.16
N ALA A 4 17.11 -9.75 23.22
CA ALA A 4 16.09 -8.82 23.66
C ALA A 4 16.33 -8.40 25.11
N LYS A 5 15.97 -7.15 25.41
CA LYS A 5 16.11 -6.61 26.76
C LYS A 5 14.82 -5.94 27.19
N LEU A 6 14.65 -5.83 28.51
CA LEU A 6 13.53 -5.06 29.05
C LEU A 6 13.72 -3.57 28.75
N VAL A 7 14.92 -3.04 28.97
CA VAL A 7 15.29 -1.70 28.58
C VAL A 7 16.15 -1.84 27.32
N GLU A 8 15.58 -1.45 26.18
CA GLU A 8 16.24 -1.72 24.90
C GLU A 8 17.45 -0.81 24.69
N ASN A 9 18.41 -1.33 23.93
CA ASN A 9 19.48 -0.51 23.42
C ASN A 9 18.93 0.63 22.55
N VAL A 10 19.79 1.61 22.27
CA VAL A 10 19.49 2.59 21.24
C VAL A 10 19.27 1.88 19.92
N LYS A 11 18.24 2.29 19.18
CA LYS A 11 18.02 1.71 17.85
C LYS A 11 19.16 2.11 16.91
N GLN A 12 19.67 1.14 16.18
CA GLN A 12 20.75 1.34 15.23
C GLN A 12 20.17 1.41 13.82
N ALA A 13 20.72 2.32 13.01
CA ALA A 13 20.22 2.56 11.65
C ALA A 13 21.25 2.13 10.62
N LEU A 14 20.78 1.41 9.59
CA LEU A 14 21.58 0.93 8.48
C LEU A 14 21.15 1.67 7.22
N PHE A 15 22.06 2.41 6.61
CA PHE A 15 21.78 3.12 5.37
C PHE A 15 22.26 2.28 4.18
N ILE A 16 21.36 2.05 3.23
CA ILE A 16 21.57 1.11 2.13
C ILE A 16 21.45 1.82 0.78
N PRO A 17 22.55 2.06 0.08
CA PRO A 17 22.44 2.53 -1.32
C PRO A 17 21.80 1.47 -2.18
N GLY A 18 20.74 1.85 -2.87
CA GLY A 18 20.11 0.93 -3.80
C GLY A 18 20.82 0.94 -5.13
N GLN A 19 20.37 0.04 -6.01
CA GLN A 19 21.00 -0.09 -7.31
C GLN A 19 21.00 1.22 -8.08
N SER A 20 19.93 2.00 -7.94
CA SER A 20 19.75 3.24 -8.69
C SER A 20 20.17 4.47 -7.93
N CYS A 21 20.82 4.31 -6.77
CA CYS A 21 21.30 5.45 -6.02
C CYS A 21 22.31 6.24 -6.86
N ASN A 22 22.13 7.56 -6.91
CA ASN A 22 23.00 8.45 -7.67
C ASN A 22 23.87 9.27 -6.72
N LYS A 23 24.67 10.17 -7.31
CA LYS A 23 25.62 10.97 -6.53
C LYS A 23 24.90 11.90 -5.56
N ASN A 24 23.91 12.64 -6.06
CA ASN A 24 23.10 13.53 -5.19
C ASN A 24 22.53 12.76 -4.01
N LEU A 25 21.91 11.63 -4.30
CA LEU A 25 21.29 10.85 -3.25
C LEU A 25 22.32 10.34 -2.27
N HIS A 26 23.50 9.95 -2.77
CA HIS A 26 24.55 9.49 -1.87
C HIS A 26 25.02 10.61 -0.94
N ASP A 27 25.15 11.83 -1.47
CA ASP A 27 25.52 12.96 -0.61
C ASP A 27 24.47 13.24 0.45
N ILE A 28 23.18 13.16 0.08
CA ILE A 28 22.11 13.31 1.07
C ILE A 28 22.23 12.22 2.13
N MET A 29 22.42 10.98 1.69
CA MET A 29 22.55 9.86 2.62
C MET A 29 23.67 10.10 3.59
N VAL A 30 24.83 10.54 3.10
CA VAL A 30 25.98 10.74 3.98
C VAL A 30 25.69 11.79 5.04
N ASP A 31 25.03 12.89 4.66
CA ASP A 31 24.77 13.95 5.64
C ASP A 31 23.65 13.58 6.62
N LEU A 32 22.61 12.90 6.15
CA LEU A 32 21.55 12.50 7.08
C LEU A 32 22.02 11.39 8.02
N SER A 33 22.78 10.43 7.48
CA SER A 33 23.32 9.37 8.34
C SER A 33 24.29 9.93 9.38
N ALA A 34 25.05 10.99 9.04
CA ALA A 34 25.94 11.60 10.03
C ALA A 34 25.19 12.07 11.28
N LEU A 35 23.94 12.53 11.12
CA LEU A 35 23.17 13.01 12.27
C LEU A 35 22.82 11.88 13.24
N LYS A 36 22.81 10.64 12.77
CA LYS A 36 22.48 9.46 13.56
C LYS A 36 23.72 8.83 14.22
N LYS A 37 24.92 9.31 13.90
CA LYS A 37 26.14 8.84 14.54
C LYS A 37 26.03 9.01 16.06
N PRO A 38 26.58 8.09 16.85
CA PRO A 38 27.36 6.90 16.51
C PRO A 38 26.51 5.64 16.24
N ASP A 39 25.19 5.80 16.21
CA ASP A 39 24.30 4.64 16.16
C ASP A 39 23.90 4.30 14.73
N MET A 40 24.90 4.24 13.85
CA MET A 40 24.67 4.24 12.42
C MET A 40 25.70 3.36 11.72
N LYS A 41 25.24 2.62 10.71
CA LYS A 41 26.07 1.87 9.79
C LYS A 41 25.62 2.20 8.37
N ARG A 42 26.54 2.06 7.41
CA ARG A 42 26.19 2.26 6.02
C ARG A 42 26.97 1.30 5.14
N PHE A 43 26.32 0.86 4.06
CA PHE A 43 27.01 0.08 3.05
C PHE A 43 27.72 1.02 2.09
N ASN A 44 28.91 0.61 1.65
CA ASN A 44 29.64 1.34 0.64
C ASN A 44 29.21 0.98 -0.77
N ARG A 45 28.68 -0.21 -1.00
CA ARG A 45 28.30 -0.61 -2.33
C ARG A 45 26.77 -0.73 -2.42
N LYS A 46 26.29 -0.89 -3.64
CA LYS A 46 24.87 -0.89 -3.91
C LYS A 46 24.26 -2.27 -3.67
N ASN A 47 22.97 -2.28 -3.39
CA ASN A 47 22.20 -3.50 -3.26
C ASN A 47 20.91 -3.34 -4.06
N ASP A 48 20.51 -4.41 -4.73
CA ASP A 48 19.35 -4.37 -5.62
C ASP A 48 18.12 -4.78 -4.82
N ILE A 49 17.50 -3.79 -4.17
CA ILE A 49 16.39 -4.00 -3.26
C ILE A 49 15.14 -3.33 -3.80
N HIS A 50 14.01 -4.05 -3.74
CA HIS A 50 12.70 -3.52 -4.15
C HIS A 50 11.74 -3.75 -2.99
N PRO A 51 11.69 -2.80 -2.04
CA PRO A 51 11.06 -3.10 -0.74
C PRO A 51 9.61 -3.52 -0.83
N PHE A 52 8.85 -2.98 -1.76
CA PHE A 52 7.42 -3.31 -1.80
C PHE A 52 7.12 -4.59 -2.56
N GLU A 53 8.07 -5.09 -3.35
CA GLU A 53 7.89 -6.37 -4.02
C GLU A 53 8.59 -7.53 -3.31
N ASP A 54 9.61 -7.26 -2.49
CA ASP A 54 10.30 -8.34 -1.78
C ASP A 54 11.04 -7.70 -0.60
N MET A 55 10.43 -7.76 0.57
CA MET A 55 11.05 -7.19 1.75
C MET A 55 12.11 -8.10 2.36
N SER A 56 12.25 -9.33 1.87
CA SER A 56 13.13 -10.31 2.50
C SER A 56 14.55 -9.81 2.73
N PRO A 57 15.25 -9.24 1.75
CA PRO A 57 16.64 -8.81 2.02
C PRO A 57 16.74 -7.79 3.13
N LEU A 58 15.71 -6.98 3.34
CA LEU A 58 15.75 -6.00 4.44
C LEU A 58 15.68 -6.70 5.78
N GLU A 59 14.86 -7.75 5.88
CA GLU A 59 14.77 -8.47 7.13
C GLU A 59 16.07 -9.18 7.45
N PHE A 60 16.73 -9.72 6.43
CA PHE A 60 18.03 -10.34 6.69
C PHE A 60 19.07 -9.31 7.10
N PHE A 61 19.11 -8.17 6.40
CA PHE A 61 20.07 -7.12 6.76
C PHE A 61 19.86 -6.66 8.19
N SER A 62 18.59 -6.54 8.59
CA SER A 62 18.27 -6.07 9.94
C SER A 62 18.84 -7.01 10.99
N GLU A 63 18.69 -8.31 10.77
CA GLU A 63 19.20 -9.30 11.70
C GLU A 63 20.72 -9.39 11.64
N LYS A 64 21.29 -9.42 10.43
CA LYS A 64 22.73 -9.61 10.27
C LYS A 64 23.52 -8.43 10.83
N ASN A 65 23.00 -7.22 10.66
CA ASN A 65 23.70 -6.02 11.09
C ASN A 65 23.17 -5.46 12.39
N ASP A 66 22.21 -6.15 13.01
CA ASP A 66 21.55 -5.72 14.24
C ASP A 66 21.10 -4.26 14.17
N CYS A 67 20.39 -3.93 13.09
CA CYS A 67 19.86 -2.57 12.87
C CYS A 67 18.35 -2.68 12.70
N SER A 68 17.58 -2.12 13.64
CA SER A 68 16.13 -2.10 13.56
C SER A 68 15.58 -0.90 12.78
N LEU A 69 16.46 -0.06 12.26
CA LEU A 69 16.08 1.08 11.40
C LEU A 69 16.88 0.95 10.12
N MET A 70 16.22 1.12 8.98
CA MET A 70 16.93 1.08 7.71
C MET A 70 16.42 2.17 6.79
N VAL A 71 17.31 2.66 5.93
CA VAL A 71 16.95 3.63 4.92
C VAL A 71 17.54 3.16 3.61
N LEU A 72 16.68 2.87 2.63
CA LEU A 72 17.11 2.50 1.29
C LEU A 72 17.07 3.72 0.38
N MET A 73 18.10 3.87 -0.45
CA MET A 73 18.22 5.02 -1.36
C MET A 73 18.07 4.53 -2.79
N THR A 74 17.00 4.96 -3.47
CA THR A 74 16.79 4.62 -4.88
C THR A 74 16.34 5.87 -5.63
N SER A 75 16.48 5.85 -6.94
CA SER A 75 16.02 6.98 -7.73
C SER A 75 15.54 6.50 -9.09
N SER A 76 14.38 7.00 -9.51
CA SER A 76 13.88 6.81 -10.86
C SER A 76 13.21 8.10 -11.29
N LYS A 77 12.87 8.19 -12.58
CA LYS A 77 12.10 9.35 -13.02
C LYS A 77 10.77 9.44 -12.29
N LYS A 78 10.15 8.28 -12.06
CA LYS A 78 8.89 8.23 -11.35
C LYS A 78 9.05 8.58 -9.87
N ARG A 79 10.13 8.11 -9.25
CA ARG A 79 10.37 8.30 -7.80
C ARG A 79 11.81 8.75 -7.61
N LYS A 80 12.02 10.05 -7.78
CA LYS A 80 13.37 10.60 -7.73
C LYS A 80 13.80 10.83 -6.30
N ASN A 81 15.08 10.55 -6.01
CA ASN A 81 15.67 10.78 -4.68
C ASN A 81 14.84 10.13 -3.57
N ASN A 82 14.50 8.86 -3.77
CA ASN A 82 13.55 8.15 -2.92
C ASN A 82 14.28 7.55 -1.73
N MET A 83 13.91 7.97 -0.53
CA MET A 83 14.44 7.39 0.70
C MET A 83 13.33 6.56 1.32
N THR A 84 13.50 5.22 1.35
CA THR A 84 12.50 4.35 1.97
C THR A 84 12.95 4.07 3.39
N PHE A 85 12.18 4.56 4.34
CA PHE A 85 12.48 4.41 5.76
C PHE A 85 11.75 3.17 6.27
N ILE A 86 12.48 2.29 6.94
CA ILE A 86 11.98 0.98 7.34
C ILE A 86 12.29 0.79 8.81
N ARG A 87 11.32 0.31 9.57
CA ARG A 87 11.54 -0.15 10.93
C ARG A 87 11.19 -1.63 11.00
N THR A 88 11.92 -2.37 11.84
CA THR A 88 11.68 -3.79 12.06
C THR A 88 11.34 -4.03 13.52
N PHE A 89 10.64 -5.15 13.75
CA PHE A 89 10.31 -5.62 15.09
C PHE A 89 10.61 -7.11 15.13
N GLY A 90 11.52 -7.51 16.02
CA GLY A 90 12.03 -8.87 15.97
C GLY A 90 12.65 -9.23 14.64
N TYR A 91 13.23 -8.25 13.94
CA TYR A 91 13.87 -8.37 12.63
C TYR A 91 12.87 -8.62 11.50
N LYS A 92 11.58 -8.53 11.77
CA LYS A 92 10.57 -8.58 10.73
C LYS A 92 10.09 -7.17 10.43
N ILE A 93 9.67 -6.93 9.18
CA ILE A 93 9.22 -5.58 8.81
C ILE A 93 8.08 -5.13 9.70
N TYR A 94 8.25 -3.97 10.31
CA TYR A 94 7.18 -3.32 11.07
C TYR A 94 6.43 -2.32 10.18
N ASP A 95 7.11 -1.24 9.78
CA ASP A 95 6.49 -0.34 8.81
C ASP A 95 7.55 0.17 7.82
N MET A 96 7.06 0.74 6.72
CA MET A 96 7.90 1.36 5.70
C MET A 96 7.18 2.57 5.14
N ILE A 97 7.95 3.58 4.74
CA ILE A 97 7.34 4.72 4.07
C ILE A 97 8.37 5.32 3.12
N GLU A 98 7.93 5.64 1.92
CA GLU A 98 8.78 6.32 0.95
C GLU A 98 8.70 7.82 1.20
N LEU A 99 9.86 8.45 1.35
CA LEU A 99 9.96 9.90 1.50
C LEU A 99 10.95 10.38 0.43
N MET A 100 10.46 11.06 -0.60
CA MET A 100 11.27 11.45 -1.75
C MET A 100 11.74 12.90 -1.61
N VAL A 101 13.05 13.10 -1.72
CA VAL A 101 13.66 14.39 -1.42
C VAL A 101 13.52 15.31 -2.62
N ALA A 102 12.88 16.46 -2.40
CA ALA A 102 12.67 17.42 -3.49
C ALA A 102 13.99 18.05 -3.94
N ASP A 103 13.96 18.62 -5.15
CA ASP A 103 15.18 19.13 -5.78
C ASP A 103 15.79 20.33 -5.05
N ASN A 104 15.08 20.94 -4.11
CA ASN A 104 15.55 22.11 -3.37
C ASN A 104 16.32 21.77 -2.10
N PHE A 105 16.86 20.55 -2.00
CA PHE A 105 17.58 20.14 -0.80
C PHE A 105 18.88 20.92 -0.62
N LYS A 106 19.34 20.99 0.62
CA LYS A 106 20.63 21.61 0.94
C LYS A 106 21.42 20.64 1.81
N LEU A 107 22.72 20.57 1.58
CA LEU A 107 23.62 19.69 2.33
C LEU A 107 24.32 20.48 3.45
N LEU A 108 25.05 19.74 4.29
CA LEU A 108 25.83 20.38 5.35
C LEU A 108 26.78 21.42 4.76
N SER A 109 27.38 21.11 3.61
CA SER A 109 28.34 22.01 2.96
C SER A 109 27.70 23.31 2.47
N ASP A 110 26.38 23.35 2.36
CA ASP A 110 25.71 24.58 1.94
C ASP A 110 25.49 25.55 3.08
N PHE A 111 25.88 25.21 4.30
CA PHE A 111 25.78 26.11 5.44
C PHE A 111 27.17 26.38 6.00
N LYS A 112 27.33 27.60 6.53
CA LYS A 112 28.59 28.01 7.14
C LYS A 112 28.95 27.04 8.26
N LYS A 113 30.18 26.53 8.25
CA LYS A 113 30.59 25.49 9.20
C LYS A 113 30.57 26.03 10.64
N LEU A 114 29.87 25.32 11.52
CA LEU A 114 29.89 25.60 12.95
C LEU A 114 30.30 24.33 13.70
N THR A 115 30.84 24.50 14.90
CA THR A 115 31.15 23.34 15.71
C THR A 115 29.88 22.54 15.99
N PHE A 116 30.03 21.21 16.03
CA PHE A 116 28.91 20.32 16.26
C PHE A 116 29.42 19.13 17.05
N THR A 117 28.98 18.99 18.29
CA THR A 117 29.38 17.84 19.09
C THR A 117 28.57 16.63 18.66
N VAL A 118 29.28 15.54 18.35
CA VAL A 118 28.65 14.33 17.86
C VAL A 118 28.06 13.55 19.03
N GLY A 119 26.93 12.90 18.78
CA GLY A 119 26.36 11.98 19.74
C GLY A 119 25.47 12.59 20.80
N LEU A 120 25.13 13.88 20.69
CA LEU A 120 24.22 14.48 21.65
C LEU A 120 22.78 14.13 21.32
N LYS A 121 21.95 14.07 22.35
CA LYS A 121 20.53 13.81 22.16
C LYS A 121 19.87 15.05 21.55
N PRO A 122 19.08 14.92 20.48
CA PRO A 122 18.47 16.10 19.87
C PRO A 122 17.18 16.53 20.54
N MET A 123 16.86 17.82 20.42
CA MET A 123 15.50 18.28 20.64
C MET A 123 14.68 18.10 19.37
N PHE A 124 13.35 18.02 19.51
CA PHE A 124 12.44 17.93 18.38
C PHE A 124 11.34 18.99 18.50
N THR A 125 10.99 19.59 17.38
CA THR A 125 9.74 20.33 17.29
C THR A 125 8.99 19.84 16.07
N PHE A 126 7.71 19.51 16.26
CA PHE A 126 6.83 19.09 15.18
C PHE A 126 5.75 20.16 14.98
N GLN A 127 5.65 20.68 13.78
CA GLN A 127 4.68 21.72 13.45
C GLN A 127 3.66 21.14 12.48
N GLY A 128 2.42 21.00 12.93
CA GLY A 128 1.36 20.53 12.07
C GLY A 128 0.38 19.64 12.82
N ALA A 129 -0.89 20.01 12.81
CA ALA A 129 -1.88 19.26 13.57
C ALA A 129 -2.01 17.82 13.07
N ALA A 130 -1.79 17.59 11.78
CA ALA A 130 -1.96 16.26 11.22
C ALA A 130 -0.95 15.26 11.77
N PHE A 131 0.15 15.72 12.38
CA PHE A 131 1.06 14.79 13.04
C PHE A 131 0.39 14.05 14.20
N ASP A 132 -0.69 14.59 14.74
CA ASP A 132 -1.39 13.91 15.82
C ASP A 132 -2.61 13.12 15.35
N THR A 133 -3.22 13.50 14.22
CA THR A 133 -4.52 12.98 13.85
C THR A 133 -4.57 12.21 12.54
N HIS A 134 -3.62 12.41 11.62
CA HIS A 134 -3.68 11.73 10.33
C HIS A 134 -2.82 10.47 10.39
N PRO A 135 -3.33 9.32 9.93
CA PRO A 135 -2.51 8.08 10.04
C PRO A 135 -1.17 8.17 9.33
N VAL A 136 -1.08 8.89 8.22
CA VAL A 136 0.21 8.95 7.52
C VAL A 136 1.19 9.84 8.30
N TYR A 137 0.75 11.03 8.71
CA TYR A 137 1.68 11.92 9.41
C TYR A 137 1.99 11.42 10.82
N LYS A 138 1.06 10.68 11.44
CA LYS A 138 1.36 10.06 12.72
C LYS A 138 2.50 9.05 12.58
N GLN A 139 2.51 8.28 11.50
CA GLN A 139 3.61 7.35 11.26
C GLN A 139 4.92 8.09 11.05
N ILE A 140 4.87 9.23 10.34
CA ILE A 140 6.09 10.00 10.12
C ILE A 140 6.65 10.52 11.43
N LYS A 141 5.79 11.08 12.28
CA LYS A 141 6.24 11.56 13.57
C LYS A 141 6.81 10.42 14.41
N SER A 142 6.13 9.28 14.45
CA SER A 142 6.63 8.13 15.19
C SER A 142 8.00 7.70 14.68
N LEU A 143 8.11 7.58 13.36
CA LEU A 143 9.37 7.19 12.72
C LEU A 143 10.52 8.12 13.10
N PHE A 144 10.32 9.44 12.98
CA PHE A 144 11.47 10.33 13.14
C PHE A 144 11.87 10.48 14.60
N LEU A 145 10.90 10.48 15.52
CA LEU A 145 11.23 10.42 16.95
C LEU A 145 12.02 9.14 17.25
N ASP A 146 11.47 7.99 16.85
CA ASP A 146 12.14 6.70 17.02
C ASP A 146 13.54 6.71 16.42
N PHE A 147 13.67 7.27 15.21
CA PHE A 147 14.93 7.21 14.47
C PHE A 147 16.04 8.03 15.12
N PHE A 148 15.74 9.25 15.57
CA PHE A 148 16.80 10.17 15.97
C PHE A 148 16.90 10.44 17.47
N ARG A 149 15.96 9.99 18.30
CA ARG A 149 15.99 10.40 19.71
C ARG A 149 17.21 9.85 20.46
N GLY A 150 17.81 8.76 20.01
CA GLY A 150 19.02 8.29 20.67
C GLY A 150 18.74 7.68 22.03
N GLU A 151 19.70 7.84 22.94
CA GLU A 151 19.64 7.19 24.24
C GLU A 151 18.54 7.79 25.11
N SER A 152 17.75 6.95 25.75
CA SER A 152 16.82 7.43 26.76
C SER A 152 17.58 7.67 28.06
N THR A 153 17.35 8.82 28.67
CA THR A 153 18.05 9.20 29.89
C THR A 153 17.07 9.82 30.87
N ASP A 154 17.38 9.68 32.15
CA ASP A 154 16.65 10.36 33.21
C ASP A 154 17.31 11.67 33.62
N LEU A 155 18.60 11.82 33.34
CA LEU A 155 19.35 13.04 33.61
C LEU A 155 19.83 13.61 32.28
N GLN A 156 19.40 14.84 31.99
CA GLN A 156 19.80 15.56 30.78
C GLN A 156 20.72 16.71 31.17
N ASP A 157 21.91 16.75 30.57
CA ASP A 157 22.85 17.84 30.77
C ASP A 157 22.36 19.10 30.05
N VAL A 158 22.12 20.18 30.81
CA VAL A 158 21.71 21.46 30.22
C VAL A 158 22.66 21.86 29.11
N ALA A 159 23.96 21.63 29.31
CA ALA A 159 24.97 22.04 28.36
C ALA A 159 24.90 21.27 27.05
N GLY A 160 24.29 20.09 27.04
CA GLY A 160 24.14 19.33 25.81
C GLY A 160 22.92 19.67 24.98
N LEU A 161 22.16 20.71 25.33
CA LEU A 161 20.97 21.07 24.54
C LEU A 161 21.42 21.88 23.33
N GLN A 162 22.00 21.17 22.35
CA GLN A 162 22.76 21.76 21.26
C GLN A 162 21.92 22.04 20.01
N HIS A 163 21.11 21.08 19.58
CA HIS A 163 20.47 21.21 18.27
C HIS A 163 19.03 20.68 18.32
N VAL A 164 18.25 21.11 17.33
CA VAL A 164 16.84 20.75 17.25
C VAL A 164 16.56 20.20 15.85
N ILE A 165 15.83 19.10 15.80
CA ILE A 165 15.29 18.57 14.55
C ILE A 165 13.86 19.07 14.43
N SER A 166 13.57 19.79 13.36
CA SER A 166 12.28 20.46 13.19
C SER A 166 11.58 19.86 11.99
N MET A 167 10.32 19.48 12.15
CA MET A 167 9.55 18.88 11.06
C MET A 167 8.23 19.59 10.92
N THR A 168 7.97 20.12 9.72
CA THR A 168 6.81 20.96 9.46
C THR A 168 6.05 20.41 8.26
N ILE A 169 4.74 20.25 8.40
CA ILE A 169 3.89 19.92 7.26
C ILE A 169 3.72 21.18 6.40
N GLN A 170 3.80 21.03 5.08
CA GLN A 170 3.77 22.19 4.19
C GLN A 170 2.34 22.68 4.00
N GLY A 171 1.78 23.23 5.08
CA GLY A 171 0.44 23.77 5.07
C GLY A 171 -0.62 22.77 5.51
N ASP A 172 -1.70 23.29 6.07
CA ASP A 172 -2.85 22.45 6.37
C ASP A 172 -3.51 21.98 5.08
N PHE A 173 -4.32 20.93 5.22
CA PHE A 173 -4.93 20.32 4.05
C PHE A 173 -6.22 19.63 4.47
N GLN A 174 -7.14 19.53 3.52
CA GLN A 174 -8.40 18.84 3.76
C GLN A 174 -8.34 17.45 3.16
N ASP A 175 -9.13 16.54 3.72
CA ASP A 175 -9.14 15.19 3.19
C ASP A 175 -9.67 15.21 1.77
N GLY A 176 -9.04 14.42 0.89
CA GLY A 176 -9.25 14.49 -0.53
C GLY A 176 -8.16 15.22 -1.28
N GLU A 177 -7.49 16.18 -0.64
CA GLU A 177 -6.41 16.90 -1.28
C GLU A 177 -5.11 16.09 -1.24
N PRO A 178 -4.15 16.41 -2.10
CA PRO A 178 -2.85 15.74 -2.01
C PRO A 178 -2.23 15.94 -0.64
N LEU A 179 -1.48 14.93 -0.18
CA LEU A 179 -0.81 15.03 1.10
C LEU A 179 0.39 15.95 0.99
N PRO A 180 0.45 17.04 1.76
CA PRO A 180 1.57 17.99 1.62
C PRO A 180 2.90 17.37 2.04
N ASN A 181 3.97 17.91 1.47
CA ASN A 181 5.32 17.51 1.85
C ASN A 181 5.60 17.78 3.33
N VAL A 182 6.60 17.08 3.86
CA VAL A 182 7.10 17.29 5.21
C VAL A 182 8.48 17.93 5.11
N LEU A 183 8.68 19.00 5.87
CA LEU A 183 9.87 19.85 5.77
C LEU A 183 10.78 19.55 6.96
N PHE A 184 11.93 18.98 6.67
CA PHE A 184 12.90 18.53 7.65
C PHE A 184 14.03 19.55 7.74
N ARG A 185 14.30 20.05 8.95
CA ARG A 185 15.32 21.06 9.19
C ARG A 185 16.09 20.73 10.46
N VAL A 186 17.37 21.14 10.49
CA VAL A 186 18.22 20.98 11.68
C VAL A 186 18.83 22.33 12.00
N TYR A 187 18.65 22.79 13.23
CA TYR A 187 19.21 24.06 13.69
C TYR A 187 20.04 23.86 14.95
N LYS A 188 21.10 24.65 15.07
CA LYS A 188 21.86 24.79 16.30
C LYS A 188 21.34 25.99 17.09
N LEU A 189 21.33 25.86 18.42
CA LEU A 189 20.86 26.94 19.27
C LEU A 189 21.94 27.98 19.52
N LYS A 190 21.51 29.24 19.69
CA LYS A 190 22.33 30.33 20.21
C LYS A 190 21.47 31.14 21.17
N SER A 191 22.10 31.96 22.02
CA SER A 191 21.28 32.77 22.89
C SER A 191 22.00 34.06 23.27
N TYR A 192 21.26 34.89 24.00
CA TYR A 192 21.58 36.27 24.30
C TYR A 192 20.70 36.68 25.47
N LYS A 193 21.28 37.37 26.45
CA LYS A 193 20.45 37.95 27.52
C LYS A 193 20.49 39.49 27.50
N LEU A 201 15.13 34.34 31.59
CA LEU A 201 15.66 33.39 30.61
C LEU A 201 16.19 34.10 29.38
N PRO A 202 17.25 33.56 28.79
CA PRO A 202 17.76 34.12 27.53
C PRO A 202 16.74 33.93 26.40
N ARG A 203 16.89 34.73 25.36
CA ARG A 203 16.14 34.54 24.13
C ARG A 203 16.93 33.61 23.21
N ILE A 204 16.31 32.51 22.80
CA ILE A 204 16.96 31.56 21.90
C ILE A 204 16.95 32.12 20.48
N GLU A 205 18.07 31.97 19.77
CA GLU A 205 18.10 32.14 18.33
C GLU A 205 18.61 30.86 17.68
N LEU A 206 18.20 30.63 16.44
CA LEU A 206 18.56 29.40 15.73
C LEU A 206 19.42 29.73 14.51
N VAL A 207 20.35 28.84 14.20
CA VAL A 207 21.09 28.90 12.95
C VAL A 207 21.00 27.54 12.28
N GLU A 208 20.62 27.53 11.01
CA GLU A 208 20.47 26.28 10.27
C GLU A 208 21.83 25.66 9.95
N ILE A 209 21.95 24.35 10.18
CA ILE A 209 23.17 23.64 9.85
C ILE A 209 22.96 22.56 8.80
N GLY A 210 21.74 22.15 8.52
CA GLY A 210 21.48 21.17 7.49
C GLY A 210 21.51 19.76 8.03
N PRO A 211 21.16 18.77 7.20
CA PRO A 211 20.69 18.99 5.82
C PRO A 211 19.29 19.54 5.81
N ARG A 212 18.93 20.18 4.71
CA ARG A 212 17.60 20.72 4.48
C ARG A 212 16.91 19.83 3.46
N LEU A 213 15.83 19.16 3.87
CA LEU A 213 15.16 18.18 3.04
C LEU A 213 13.66 18.43 3.05
N ASP A 214 13.07 18.48 1.87
CA ASP A 214 11.61 18.50 1.70
C ASP A 214 11.18 17.12 1.21
N PHE A 215 10.39 16.41 2.01
CA PHE A 215 10.02 15.03 1.71
C PHE A 215 8.64 14.98 1.05
N LYS A 216 8.56 14.37 -0.12
CA LYS A 216 7.29 14.05 -0.76
C LYS A 216 6.92 12.62 -0.39
N ILE A 217 5.68 12.42 0.08
CA ILE A 217 5.29 11.14 0.64
C ILE A 217 4.91 10.17 -0.47
N GLY A 218 5.50 8.97 -0.45
CA GLY A 218 5.19 7.92 -1.40
C GLY A 218 4.36 6.80 -0.78
N ARG A 219 4.69 5.55 -1.09
CA ARG A 219 3.90 4.41 -0.63
C ARG A 219 4.20 4.08 0.83
N ILE A 220 3.28 3.34 1.48
CA ILE A 220 3.45 2.97 2.88
C ILE A 220 3.18 1.49 3.06
N HIS A 221 3.79 0.93 4.10
CA HIS A 221 3.48 -0.40 4.60
C HIS A 221 3.29 -0.24 6.09
N THR A 222 2.19 -0.78 6.63
CA THR A 222 1.92 -0.64 8.05
C THR A 222 1.78 -2.02 8.71
N PRO A 223 1.99 -2.10 10.01
CA PRO A 223 1.93 -3.40 10.69
C PRO A 223 0.52 -3.87 10.92
N SER A 224 0.38 -5.20 11.00
CA SER A 224 -0.88 -5.80 11.38
C SER A 224 -1.23 -5.42 12.81
N PRO A 225 -2.51 -5.46 13.18
CA PRO A 225 -2.87 -5.13 14.57
C PRO A 225 -2.20 -6.02 15.61
N ASP A 226 -1.97 -7.29 15.29
CA ASP A 226 -1.27 -8.17 16.23
C ASP A 226 0.14 -7.69 16.50
N MET A 227 0.87 -7.31 15.45
CA MET A 227 2.24 -6.83 15.62
C MET A 227 2.29 -5.52 16.42
N VAL A 228 1.34 -4.62 16.17
CA VAL A 228 1.26 -3.39 16.94
C VAL A 228 1.17 -3.71 18.43
N THR A 229 0.27 -4.62 18.80
CA THR A 229 0.11 -4.99 20.19
C THR A 229 1.41 -5.55 20.76
N GLU A 230 2.05 -6.44 20.03
CA GLU A 230 3.33 -7.01 20.44
C GLU A 230 4.38 -5.91 20.61
N ALA A 231 4.51 -5.04 19.61
CA ALA A 231 5.61 -4.07 19.62
C ALA A 231 5.41 -2.99 20.66
N HIS A 232 4.17 -2.70 21.07
CA HIS A 232 3.91 -1.67 22.04
C HIS A 232 3.57 -2.23 23.41
N LYS A 233 3.96 -3.47 23.69
CA LYS A 233 3.60 -4.13 24.93
C LYS A 233 4.54 -3.72 26.05
N LYS A 234 3.97 -3.39 27.21
CA LYS A 234 4.69 -2.80 28.33
C LYS A 234 5.33 -3.83 29.26
N GLY B 1 -5.67 28.85 18.28
CA GLY B 1 -4.33 28.80 18.85
C GLY B 1 -4.18 27.81 20.00
N PRO B 2 -4.22 26.51 19.67
CA PRO B 2 -4.08 25.50 20.73
C PRO B 2 -2.72 25.57 21.39
N GLU B 3 -2.68 25.12 22.64
CA GLU B 3 -1.46 25.11 23.41
C GLU B 3 -0.53 23.99 22.93
N ALA B 4 0.77 24.27 22.96
CA ALA B 4 1.77 23.26 22.62
C ALA B 4 1.71 22.09 23.59
N VAL B 5 1.96 20.88 23.07
CA VAL B 5 2.02 19.68 23.88
C VAL B 5 3.47 19.23 23.96
N TYR B 6 3.89 18.76 25.13
CA TYR B 6 5.29 18.41 25.37
C TYR B 6 5.45 16.94 25.69
N ASP B 7 6.57 16.37 25.20
CA ASP B 7 7.03 15.03 25.58
C ASP B 7 8.48 15.22 26.02
N LEU B 8 8.66 15.70 27.25
CA LEU B 8 9.96 16.18 27.68
C LEU B 8 10.99 15.06 27.80
N GLY B 9 10.56 13.84 28.12
CA GLY B 9 11.49 12.72 28.16
C GLY B 9 12.16 12.45 26.82
N ASN B 10 11.50 12.85 25.73
CA ASN B 10 12.07 12.80 24.38
C ASN B 10 12.53 14.17 23.90
N LEU B 11 12.59 15.18 24.79
CA LEU B 11 12.99 16.55 24.44
C LEU B 11 12.20 17.08 23.25
N ALA B 12 10.89 16.87 23.26
CA ALA B 12 10.06 17.08 22.09
C ALA B 12 8.91 18.02 22.39
N ALA B 13 8.60 18.88 21.41
CA ALA B 13 7.46 19.79 21.48
C ALA B 13 6.60 19.59 20.24
N PHE B 14 5.28 19.65 20.43
CA PHE B 14 4.31 19.41 19.37
C PHE B 14 3.39 20.62 19.26
N ASP B 15 3.29 21.16 18.04
CA ASP B 15 2.58 22.42 17.79
C ASP B 15 1.48 22.16 16.77
N SER B 16 0.22 22.31 17.20
CA SER B 16 -0.89 22.01 16.32
C SER B 16 -1.54 23.26 15.71
N ASN B 17 -0.89 24.41 15.79
CA ASN B 17 -1.40 25.64 15.18
C ASN B 17 -1.56 25.51 13.68
N VAL B 18 -2.51 26.27 13.14
CA VAL B 18 -2.78 26.31 11.72
C VAL B 18 -1.53 26.73 10.95
N LEU B 19 -1.28 26.04 9.84
CA LEU B 19 -0.20 26.36 8.92
C LEU B 19 -0.80 26.67 7.56
N ASP B 20 -0.26 27.69 6.91
CA ASP B 20 -0.76 28.19 5.63
C ASP B 20 0.19 27.73 4.53
N LYS B 21 -0.34 27.01 3.54
CA LYS B 21 0.51 26.52 2.48
C LYS B 21 1.16 27.64 1.67
N ASN B 22 0.52 28.83 1.63
CA ASN B 22 1.12 29.92 0.87
C ASN B 22 2.39 30.45 1.53
N ASP B 23 2.51 30.38 2.86
CA ASP B 23 3.74 30.79 3.54
C ASP B 23 4.88 29.82 3.29
N LEU B 24 4.58 28.57 2.97
CA LEU B 24 5.56 27.50 2.98
C LEU B 24 5.77 26.90 1.60
N ASP B 25 5.06 27.43 0.59
CA ASP B 25 5.21 27.01 -0.79
C ASP B 25 6.68 27.02 -1.19
N SER B 26 7.06 26.09 -2.06
CA SER B 26 8.46 26.00 -2.48
C SER B 26 8.93 27.27 -3.19
N SER B 27 8.00 28.05 -3.74
CA SER B 27 8.35 29.28 -4.44
C SER B 27 8.36 30.51 -3.56
N ASN B 28 7.94 30.39 -2.30
CA ASN B 28 7.87 31.55 -1.41
C ASN B 28 9.27 31.89 -0.94
N ALA B 29 9.73 33.10 -1.30
CA ALA B 29 11.11 33.49 -0.99
C ALA B 29 11.41 33.48 0.50
N ARG B 30 10.41 33.67 1.35
CA ARG B 30 10.64 33.76 2.79
C ARG B 30 10.26 32.48 3.54
N ARG B 31 10.14 31.36 2.84
CA ARG B 31 9.68 30.15 3.51
C ARG B 31 10.65 29.72 4.61
N GLU B 32 11.95 29.91 4.40
CA GLU B 32 12.89 29.43 5.42
C GLU B 32 12.91 30.34 6.64
N GLU B 33 12.77 31.66 6.45
CA GLU B 33 12.56 32.54 7.59
C GLU B 33 11.32 32.17 8.38
N LYS B 34 10.26 31.76 7.68
CA LYS B 34 9.04 31.38 8.37
C LYS B 34 9.22 30.07 9.14
N ILE B 35 9.85 29.07 8.50
CA ILE B 35 10.06 27.79 9.19
C ILE B 35 10.96 27.97 10.38
N LYS B 36 12.05 28.73 10.23
CA LYS B 36 12.96 28.93 11.35
C LYS B 36 12.28 29.70 12.47
N SER B 37 11.48 30.70 12.11
CA SER B 37 10.78 31.50 13.11
C SER B 37 9.80 30.66 13.92
N LEU B 38 9.00 29.82 13.25
CA LEU B 38 8.11 28.90 13.97
C LEU B 38 8.89 27.97 14.87
N THR B 39 9.95 27.35 14.33
CA THR B 39 10.80 26.48 15.13
C THR B 39 11.38 27.22 16.33
N ARG B 40 11.86 28.46 16.11
CA ARG B 40 12.47 29.21 17.20
C ARG B 40 11.48 29.46 18.32
N ASP B 41 10.24 29.85 17.99
CA ASP B 41 9.24 30.05 19.03
C ASP B 41 8.96 28.76 19.81
N ASN B 42 8.86 27.61 19.11
CA ASN B 42 8.57 26.37 19.82
C ASN B 42 9.78 25.88 20.61
N VAL B 43 11.00 26.15 20.14
CA VAL B 43 12.18 25.77 20.91
C VAL B 43 12.28 26.58 22.19
N GLN B 44 11.96 27.87 22.10
CA GLN B 44 11.93 28.73 23.29
C GLN B 44 11.00 28.16 24.34
N LEU B 45 9.79 27.75 23.93
CA LEU B 45 8.82 27.16 24.85
C LEU B 45 9.31 25.84 25.41
N LEU B 46 9.90 25.00 24.57
CA LEU B 46 10.46 23.73 25.03
C LEU B 46 11.57 23.95 26.05
N ILE B 47 12.53 24.84 25.75
CA ILE B 47 13.60 25.15 26.68
C ILE B 47 13.03 25.65 28.00
N ASN B 48 12.03 26.53 27.94
CA ASN B 48 11.41 27.03 29.17
C ASN B 48 10.81 25.89 29.98
N GLN B 49 10.19 24.90 29.31
CA GLN B 49 9.67 23.74 30.01
C GLN B 49 10.80 22.92 30.63
N LEU B 50 11.85 22.63 29.84
CA LEU B 50 12.96 21.84 30.35
C LEU B 50 13.65 22.50 31.53
N LEU B 51 13.82 23.82 31.48
CA LEU B 51 14.54 24.54 32.52
C LEU B 51 13.73 24.74 33.78
N SER B 52 12.46 24.33 33.80
CA SER B 52 11.66 24.37 35.01
C SER B 52 11.51 22.99 35.66
N LEU B 53 12.30 22.01 35.19
CA LEU B 53 12.31 20.68 35.77
C LEU B 53 13.24 20.64 36.98
N PRO B 54 13.06 19.67 37.88
CA PRO B 54 14.00 19.49 38.98
C PRO B 54 15.41 19.25 38.45
N MET B 55 16.39 19.81 39.15
CA MET B 55 17.78 19.79 38.70
C MET B 55 18.71 19.23 39.75
N LYS B 56 19.74 18.52 39.29
CA LYS B 56 20.85 18.02 40.09
C LYS B 56 22.13 18.71 39.64
N THR B 57 23.17 18.64 40.47
CA THR B 57 24.49 19.18 40.10
C THR B 57 25.56 18.20 40.56
N THR B 58 26.18 17.49 39.61
CA THR B 58 27.25 16.55 39.92
C THR B 58 28.57 17.00 39.30
N MET B 72 28.52 21.16 36.41
CA MET B 72 27.64 20.38 35.56
C MET B 72 26.24 20.25 36.15
N THR B 73 25.22 20.56 35.35
CA THR B 73 23.84 20.65 35.85
C THR B 73 22.94 19.75 35.02
N LEU B 74 22.12 18.95 35.71
CA LEU B 74 21.29 17.93 35.08
C LEU B 74 19.81 18.20 35.31
N LEU B 75 19.00 17.97 34.28
CA LEU B 75 17.55 17.98 34.44
C LEU B 75 17.06 16.57 34.72
N GLN B 76 16.02 16.47 35.56
CA GLN B 76 15.36 15.20 35.81
C GLN B 76 14.20 15.09 34.83
N LEU B 77 14.43 14.40 33.71
CA LEU B 77 13.42 14.27 32.68
C LEU B 77 12.34 13.29 33.13
N PRO B 78 11.07 13.59 32.87
CA PRO B 78 10.04 12.57 33.07
C PRO B 78 10.18 11.46 32.04
N ASP B 79 9.49 10.36 32.28
CA ASP B 79 9.48 9.26 31.31
C ASP B 79 8.86 9.73 30.00
N PRO B 80 9.40 9.30 28.85
CA PRO B 80 8.78 9.68 27.57
C PRO B 80 7.37 9.12 27.44
N THR B 81 6.51 9.91 26.79
CA THR B 81 5.09 9.57 26.71
C THR B 81 4.63 9.14 25.32
N THR B 82 5.35 9.49 24.26
CA THR B 82 4.94 9.09 22.92
C THR B 82 5.06 7.57 22.79
N ASP B 83 4.03 6.93 22.25
CA ASP B 83 4.00 5.49 22.05
C ASP B 83 4.89 5.11 20.87
N LEU B 84 6.07 4.54 21.15
CA LEU B 84 6.95 4.14 20.07
C LEU B 84 7.18 2.63 20.13
N PRO B 85 7.26 1.96 18.97
CA PRO B 85 7.38 0.50 18.97
C PRO B 85 8.76 0.07 19.45
N ARG B 86 8.80 -1.03 20.20
CA ARG B 86 10.07 -1.66 20.55
C ARG B 86 10.71 -2.24 19.29
N GLU B 87 12.02 -2.46 19.36
CA GLU B 87 12.70 -3.15 18.27
C GLU B 87 12.69 -4.67 18.42
N LYS B 88 12.50 -5.18 19.64
CA LYS B 88 12.53 -6.61 19.92
C LYS B 88 11.43 -6.96 20.91
N PRO B 89 10.91 -8.18 20.85
CA PRO B 89 9.84 -8.57 21.79
C PRO B 89 10.32 -8.54 23.24
N LEU B 90 9.39 -8.26 24.15
CA LEU B 90 9.69 -8.27 25.57
C LEU B 90 10.19 -9.66 25.99
N PRO B 91 11.32 -9.76 26.70
CA PRO B 91 11.89 -11.04 27.18
C PRO B 91 10.92 -11.88 28.02
N ASN C 9 -31.12 -6.44 -16.26
CA ASN C 9 -31.02 -7.35 -15.11
C ASN C 9 -29.58 -7.78 -14.86
N VAL C 10 -29.20 -7.89 -13.58
CA VAL C 10 -27.91 -8.46 -13.24
C VAL C 10 -27.89 -9.91 -13.71
N LYS C 11 -26.82 -10.30 -14.41
CA LYS C 11 -26.71 -11.68 -14.84
C LYS C 11 -26.55 -12.59 -13.62
N GLN C 12 -27.30 -13.69 -13.63
CA GLN C 12 -27.30 -14.66 -12.56
C GLN C 12 -26.46 -15.86 -12.97
N ALA C 13 -25.68 -16.38 -12.03
CA ALA C 13 -24.75 -17.46 -12.29
C ALA C 13 -25.20 -18.75 -11.58
N LEU C 14 -25.07 -19.87 -12.28
CA LEU C 14 -25.45 -21.18 -11.76
C LEU C 14 -24.21 -22.05 -11.70
N PHE C 15 -23.86 -22.50 -10.51
CA PHE C 15 -22.72 -23.41 -10.35
C PHE C 15 -23.23 -24.84 -10.37
N ILE C 16 -22.58 -25.68 -11.18
CA ILE C 16 -23.06 -27.01 -11.49
C ILE C 16 -21.96 -28.02 -11.14
N PRO C 17 -22.11 -28.77 -10.04
CA PRO C 17 -21.16 -29.86 -9.79
C PRO C 17 -21.34 -30.96 -10.83
N GLY C 18 -20.23 -31.33 -11.48
CA GLY C 18 -20.24 -32.42 -12.42
C GLY C 18 -20.14 -33.76 -11.71
N GLN C 19 -20.28 -34.83 -12.51
CA GLN C 19 -20.21 -36.18 -11.95
C GLN C 19 -18.86 -36.46 -11.31
N SER C 20 -17.80 -35.84 -11.83
CA SER C 20 -16.46 -36.06 -11.33
C SER C 20 -15.97 -34.94 -10.41
N CYS C 21 -16.85 -34.04 -9.99
CA CYS C 21 -16.48 -33.01 -9.02
C CYS C 21 -15.97 -33.66 -7.73
N ASN C 22 -14.86 -33.13 -7.21
CA ASN C 22 -14.21 -33.65 -6.01
C ASN C 22 -14.31 -32.61 -4.87
N LYS C 23 -13.72 -32.96 -3.72
CA LYS C 23 -13.84 -32.08 -2.55
C LYS C 23 -13.11 -30.76 -2.75
N ASN C 24 -11.88 -30.83 -3.26
CA ASN C 24 -11.13 -29.61 -3.57
C ASN C 24 -11.96 -28.68 -4.45
N LEU C 25 -12.47 -29.23 -5.55
CA LEU C 25 -13.25 -28.43 -6.48
C LEU C 25 -14.50 -27.89 -5.80
N HIS C 26 -15.17 -28.71 -4.98
CA HIS C 26 -16.34 -28.19 -4.29
C HIS C 26 -15.96 -27.05 -3.34
N ASP C 27 -14.82 -27.18 -2.64
CA ASP C 27 -14.37 -26.10 -1.76
C ASP C 27 -14.06 -24.83 -2.55
N ILE C 28 -13.42 -24.96 -3.71
CA ILE C 28 -13.12 -23.80 -4.53
C ILE C 28 -14.42 -23.16 -5.01
N MET C 29 -15.36 -24.00 -5.48
CA MET C 29 -16.64 -23.49 -5.93
C MET C 29 -17.34 -22.68 -4.86
N VAL C 30 -17.32 -23.17 -3.63
CA VAL C 30 -17.98 -22.45 -2.54
C VAL C 30 -17.35 -21.08 -2.36
N ASP C 31 -16.02 -21.01 -2.40
CA ASP C 31 -15.36 -19.72 -2.18
C ASP C 31 -15.57 -18.79 -3.38
N LEU C 32 -15.53 -19.34 -4.59
CA LEU C 32 -15.73 -18.50 -5.78
C LEU C 32 -17.19 -18.09 -5.91
N SER C 33 -18.13 -19.00 -5.63
CA SER C 33 -19.53 -18.64 -5.77
C SER C 33 -19.94 -17.59 -4.75
N ALA C 34 -19.27 -17.56 -3.59
CA ALA C 34 -19.53 -16.53 -2.61
C ALA C 34 -19.28 -15.13 -3.15
N LEU C 35 -18.26 -14.95 -3.99
CA LEU C 35 -18.00 -13.64 -4.58
C LEU C 35 -19.12 -13.18 -5.50
N LYS C 36 -19.98 -14.09 -5.94
CA LYS C 36 -21.06 -13.80 -6.86
C LYS C 36 -22.39 -13.56 -6.15
N LYS C 37 -22.50 -13.88 -4.86
CA LYS C 37 -23.72 -13.59 -4.14
C LYS C 37 -24.00 -12.08 -4.19
N PRO C 38 -25.29 -11.69 -4.20
CA PRO C 38 -26.45 -12.56 -4.06
C PRO C 38 -27.02 -13.09 -5.38
N ASP C 39 -26.26 -12.95 -6.47
CA ASP C 39 -26.73 -13.29 -7.81
C ASP C 39 -26.24 -14.66 -8.25
N MET C 40 -26.34 -15.63 -7.37
CA MET C 40 -25.72 -16.94 -7.51
C MET C 40 -26.71 -18.03 -7.13
N LYS C 41 -26.77 -19.07 -7.97
CA LYS C 41 -27.49 -20.30 -7.66
C LYS C 41 -26.53 -21.47 -7.79
N ARG C 42 -26.86 -22.58 -7.12
CA ARG C 42 -26.05 -23.78 -7.23
C ARG C 42 -26.94 -25.01 -7.13
N PHE C 43 -26.48 -26.11 -7.69
CA PHE C 43 -27.08 -27.42 -7.49
C PHE C 43 -26.32 -28.17 -6.40
N ASN C 44 -27.04 -28.98 -5.61
CA ASN C 44 -26.36 -29.99 -4.78
C ASN C 44 -26.03 -31.24 -5.58
N ARG C 45 -27.04 -31.83 -6.19
CA ARG C 45 -26.84 -33.10 -6.86
C ARG C 45 -25.86 -32.89 -8.03
N LYS C 46 -25.13 -33.95 -8.34
CA LYS C 46 -24.20 -33.91 -9.45
C LYS C 46 -24.93 -34.19 -10.76
N ASN C 47 -24.40 -33.63 -11.84
CA ASN C 47 -24.95 -33.80 -13.18
C ASN C 47 -23.83 -34.27 -14.10
N ASP C 48 -24.16 -35.19 -15.01
CA ASP C 48 -23.14 -35.74 -15.91
C ASP C 48 -23.16 -34.94 -17.20
N ILE C 49 -22.29 -33.93 -17.29
CA ILE C 49 -22.29 -32.99 -18.40
C ILE C 49 -20.88 -32.93 -18.99
N HIS C 50 -20.82 -32.92 -20.32
CA HIS C 50 -19.56 -32.91 -21.08
C HIS C 50 -19.73 -31.87 -22.16
N PRO C 51 -19.41 -30.61 -21.84
CA PRO C 51 -19.87 -29.49 -22.67
C PRO C 51 -19.34 -29.51 -24.10
N PHE C 52 -18.16 -30.07 -24.33
CA PHE C 52 -17.59 -30.10 -25.68
C PHE C 52 -18.03 -31.32 -26.48
N GLU C 53 -18.77 -32.23 -25.86
CA GLU C 53 -19.50 -33.28 -26.59
C GLU C 53 -20.97 -32.96 -26.80
N ASP C 54 -21.63 -32.45 -25.76
CA ASP C 54 -23.07 -32.17 -25.85
C ASP C 54 -23.38 -30.97 -24.94
N MET C 55 -23.63 -29.83 -25.57
CA MET C 55 -23.94 -28.59 -24.85
C MET C 55 -25.38 -28.52 -24.36
N SER C 56 -26.27 -29.42 -24.83
CA SER C 56 -27.70 -29.25 -24.57
C SER C 56 -28.08 -29.21 -23.09
N PRO C 57 -27.46 -29.96 -22.18
CA PRO C 57 -27.88 -29.83 -20.77
C PRO C 57 -27.64 -28.43 -20.21
N LEU C 58 -26.56 -27.77 -20.64
CA LEU C 58 -26.30 -26.41 -20.19
C LEU C 58 -27.36 -25.44 -20.69
N GLU C 59 -27.75 -25.56 -21.96
CA GLU C 59 -28.79 -24.67 -22.48
C GLU C 59 -30.10 -24.91 -21.75
N PHE C 60 -30.40 -26.17 -21.46
CA PHE C 60 -31.58 -26.51 -20.66
C PHE C 60 -31.51 -25.84 -19.29
N PHE C 61 -30.41 -26.03 -18.57
CA PHE C 61 -30.35 -25.51 -17.20
C PHE C 61 -30.34 -24.00 -17.18
N SER C 62 -29.73 -23.37 -18.18
CA SER C 62 -29.76 -21.91 -18.28
C SER C 62 -31.19 -21.40 -18.36
N GLU C 63 -32.01 -21.99 -19.24
CA GLU C 63 -33.39 -21.54 -19.38
C GLU C 63 -34.21 -21.88 -18.15
N LYS C 64 -34.06 -23.10 -17.62
CA LYS C 64 -34.90 -23.54 -16.50
C LYS C 64 -34.68 -22.67 -15.26
N ASN C 65 -33.46 -22.24 -15.03
CA ASN C 65 -33.11 -21.50 -13.82
C ASN C 65 -32.83 -20.03 -14.07
N ASP C 66 -33.08 -19.55 -15.29
CA ASP C 66 -32.83 -18.16 -15.68
C ASP C 66 -31.47 -17.67 -15.23
N CYS C 67 -30.44 -18.44 -15.58
CA CYS C 67 -29.05 -18.06 -15.32
C CYS C 67 -28.30 -18.04 -16.65
N SER C 68 -27.78 -16.88 -17.02
CA SER C 68 -27.02 -16.74 -18.26
C SER C 68 -25.51 -16.96 -18.07
N LEU C 69 -25.07 -17.18 -16.84
CA LEU C 69 -23.70 -17.52 -16.54
C LEU C 69 -23.72 -18.87 -15.84
N MET C 70 -22.79 -19.76 -16.20
CA MET C 70 -22.73 -21.07 -15.59
C MET C 70 -21.28 -21.47 -15.39
N VAL C 71 -21.05 -22.24 -14.33
CA VAL C 71 -19.73 -22.82 -14.09
C VAL C 71 -19.92 -24.31 -13.82
N LEU C 72 -19.33 -25.14 -14.67
CA LEU C 72 -19.34 -26.57 -14.51
C LEU C 72 -18.03 -26.99 -13.86
N MET C 73 -18.10 -27.88 -12.86
CA MET C 73 -16.90 -28.35 -12.18
C MET C 73 -16.74 -29.85 -12.42
N THR C 74 -15.64 -30.22 -13.08
CA THR C 74 -15.32 -31.62 -13.35
C THR C 74 -13.85 -31.82 -13.05
N SER C 75 -13.42 -33.08 -12.99
CA SER C 75 -12.01 -33.35 -12.75
C SER C 75 -11.65 -34.72 -13.30
N SER C 76 -10.60 -34.76 -14.11
CA SER C 76 -10.04 -35.99 -14.64
C SER C 76 -8.52 -35.91 -14.52
N LYS C 77 -7.84 -37.00 -14.86
CA LYS C 77 -6.39 -36.96 -14.84
C LYS C 77 -5.85 -35.99 -15.88
N LYS C 78 -6.48 -35.96 -17.06
CA LYS C 78 -6.07 -35.03 -18.11
C LYS C 78 -6.50 -33.59 -17.83
N ARG C 79 -7.64 -33.38 -17.15
CA ARG C 79 -8.17 -32.05 -16.90
C ARG C 79 -8.57 -31.94 -15.42
N LYS C 80 -7.58 -31.76 -14.56
CA LYS C 80 -7.81 -31.75 -13.13
C LYS C 80 -8.35 -30.40 -12.66
N ASN C 81 -9.30 -30.44 -11.72
CA ASN C 81 -9.86 -29.22 -11.11
C ASN C 81 -10.38 -28.25 -12.17
N ASN C 82 -11.18 -28.79 -13.09
CA ASN C 82 -11.58 -28.10 -14.31
C ASN C 82 -12.85 -27.29 -14.04
N MET C 83 -12.75 -25.97 -14.17
CA MET C 83 -13.90 -25.08 -14.09
C MET C 83 -14.21 -24.60 -15.50
N THR C 84 -15.33 -25.07 -16.07
CA THR C 84 -15.76 -24.62 -17.39
C THR C 84 -16.73 -23.46 -17.22
N PHE C 85 -16.34 -22.28 -17.69
CA PHE C 85 -17.16 -21.09 -17.57
C PHE C 85 -17.95 -20.90 -18.86
N ILE C 86 -19.25 -20.68 -18.72
CA ILE C 86 -20.18 -20.67 -19.85
C ILE C 86 -21.05 -19.44 -19.76
N ARG C 87 -21.23 -18.75 -20.88
CA ARG C 87 -22.18 -17.66 -21.00
C ARG C 87 -23.21 -18.04 -22.05
N THR C 88 -24.48 -17.72 -21.80
CA THR C 88 -25.52 -17.95 -22.78
C THR C 88 -26.11 -16.65 -23.28
N PHE C 89 -26.68 -16.73 -24.47
CA PHE C 89 -27.40 -15.64 -25.11
C PHE C 89 -28.71 -16.21 -25.63
N GLY C 90 -29.83 -15.72 -25.12
CA GLY C 90 -31.12 -16.34 -25.38
C GLY C 90 -31.18 -17.79 -24.95
N TYR C 91 -30.47 -18.14 -23.88
CA TYR C 91 -30.31 -19.51 -23.36
C TYR C 91 -29.57 -20.43 -24.31
N LYS C 92 -28.99 -19.92 -25.38
CA LYS C 92 -28.13 -20.73 -26.22
C LYS C 92 -26.67 -20.42 -25.88
N ILE C 93 -25.80 -21.42 -26.07
CA ILE C 93 -24.40 -21.21 -25.74
C ILE C 93 -23.84 -20.04 -26.52
N TYR C 94 -23.26 -19.09 -25.80
CA TYR C 94 -22.51 -17.98 -26.38
C TYR C 94 -21.02 -18.30 -26.43
N ASP C 95 -20.38 -18.46 -25.27
CA ASP C 95 -19.00 -18.93 -25.29
C ASP C 95 -18.75 -19.80 -24.06
N MET C 96 -17.69 -20.60 -24.15
CA MET C 96 -17.23 -21.44 -23.07
C MET C 96 -15.71 -21.41 -23.01
N ILE C 97 -15.17 -21.61 -21.82
CA ILE C 97 -13.72 -21.74 -21.68
C ILE C 97 -13.42 -22.59 -20.46
N GLU C 98 -12.51 -23.54 -20.64
CA GLU C 98 -12.03 -24.38 -19.54
C GLU C 98 -10.89 -23.67 -18.83
N LEU C 99 -11.05 -23.47 -17.52
CA LEU C 99 -10.02 -22.86 -16.67
C LEU C 99 -9.74 -23.87 -15.55
N MET C 100 -8.59 -24.52 -15.62
CA MET C 100 -8.26 -25.59 -14.69
C MET C 100 -7.37 -25.06 -13.57
N VAL C 101 -7.79 -25.28 -12.34
CA VAL C 101 -7.13 -24.69 -11.18
C VAL C 101 -5.89 -25.50 -10.83
N ALA C 102 -4.73 -24.83 -10.80
CA ALA C 102 -3.49 -25.50 -10.45
C ALA C 102 -3.47 -25.92 -8.98
N ASP C 103 -2.59 -26.89 -8.67
CA ASP C 103 -2.56 -27.47 -7.33
C ASP C 103 -2.10 -26.50 -6.25
N ASN C 104 -1.56 -25.34 -6.61
CA ASN C 104 -1.13 -24.35 -5.63
C ASN C 104 -2.26 -23.43 -5.16
N PHE C 105 -3.54 -23.80 -5.32
CA PHE C 105 -4.61 -22.91 -4.93
C PHE C 105 -4.67 -22.72 -3.41
N LYS C 106 -5.26 -21.61 -2.98
CA LYS C 106 -5.53 -21.37 -1.57
C LYS C 106 -6.98 -20.96 -1.39
N LEU C 107 -7.60 -21.42 -0.29
CA LEU C 107 -8.99 -21.10 -0.04
C LEU C 107 -9.15 -19.91 0.89
N LEU C 108 -10.39 -19.44 1.05
CA LEU C 108 -10.69 -18.42 2.05
C LEU C 108 -10.15 -18.80 3.42
N SER C 109 -10.33 -20.06 3.81
CA SER C 109 -9.87 -20.55 5.11
C SER C 109 -8.35 -20.55 5.26
N ASP C 110 -7.59 -20.40 4.16
CA ASP C 110 -6.14 -20.36 4.24
C ASP C 110 -5.59 -18.96 4.55
N PHE C 111 -6.45 -17.95 4.66
CA PHE C 111 -6.04 -16.61 5.02
C PHE C 111 -6.72 -16.22 6.32
N LYS C 112 -6.04 -15.40 7.12
CA LYS C 112 -6.60 -14.90 8.38
C LYS C 112 -8.00 -14.36 8.18
N LYS C 113 -8.96 -14.88 8.95
CA LYS C 113 -10.35 -14.49 8.78
C LYS C 113 -10.54 -13.01 9.06
N LEU C 114 -10.99 -12.27 8.04
CA LEU C 114 -11.32 -10.86 8.18
C LEU C 114 -12.78 -10.64 7.83
N THR C 115 -13.39 -9.64 8.45
CA THR C 115 -14.77 -9.29 8.16
C THR C 115 -14.92 -8.96 6.68
N PHE C 116 -15.75 -9.73 5.98
CA PHE C 116 -15.99 -9.54 4.56
C PHE C 116 -17.48 -9.33 4.33
N THR C 117 -17.87 -8.10 4.02
CA THR C 117 -19.24 -7.84 3.63
C THR C 117 -19.55 -8.54 2.32
N VAL C 118 -20.68 -9.24 2.28
CA VAL C 118 -21.13 -9.93 1.08
C VAL C 118 -21.93 -8.95 0.24
N GLY C 119 -21.91 -9.17 -1.07
CA GLY C 119 -22.78 -8.44 -1.97
C GLY C 119 -22.33 -7.05 -2.33
N LEU C 120 -21.08 -6.69 -2.04
CA LEU C 120 -20.56 -5.38 -2.43
C LEU C 120 -19.96 -5.47 -3.83
N LYS C 121 -20.13 -4.40 -4.60
CA LYS C 121 -19.57 -4.36 -5.93
C LYS C 121 -18.04 -4.43 -5.85
N PRO C 122 -17.39 -5.32 -6.61
CA PRO C 122 -15.92 -5.40 -6.56
C PRO C 122 -15.24 -4.38 -7.45
N MET C 123 -14.03 -4.01 -7.05
CA MET C 123 -13.10 -3.39 -7.98
C MET C 123 -12.39 -4.48 -8.79
N PHE C 124 -11.87 -4.10 -9.96
CA PHE C 124 -11.11 -4.99 -10.85
C PHE C 124 -9.78 -4.34 -11.21
N THR C 125 -8.71 -5.14 -11.24
CA THR C 125 -7.50 -4.74 -11.94
C THR C 125 -7.05 -5.90 -12.82
N PHE C 126 -6.80 -5.61 -14.10
CA PHE C 126 -6.33 -6.59 -15.06
C PHE C 126 -4.91 -6.19 -15.45
N GLN C 127 -3.95 -7.10 -15.23
CA GLN C 127 -2.55 -6.86 -15.51
C GLN C 127 -2.15 -7.75 -16.67
N GLY C 128 -1.86 -7.13 -17.80
CA GLY C 128 -1.39 -7.86 -18.96
C GLY C 128 -1.90 -7.24 -20.24
N ALA C 129 -0.99 -6.87 -21.14
CA ALA C 129 -1.40 -6.25 -22.41
C ALA C 129 -2.31 -7.16 -23.23
N ALA C 130 -2.14 -8.48 -23.10
CA ALA C 130 -2.91 -9.40 -23.92
C ALA C 130 -4.41 -9.36 -23.62
N PHE C 131 -4.81 -8.90 -22.43
CA PHE C 131 -6.24 -8.71 -22.14
C PHE C 131 -6.92 -7.73 -23.09
N ASP C 132 -6.14 -6.86 -23.74
CA ASP C 132 -6.68 -5.91 -24.71
C ASP C 132 -6.74 -6.44 -26.13
N THR C 133 -5.83 -7.34 -26.51
CA THR C 133 -5.60 -7.58 -27.93
C THR C 133 -5.72 -9.05 -28.30
N HIS C 134 -5.43 -9.96 -27.37
CA HIS C 134 -5.39 -11.38 -27.74
C HIS C 134 -6.78 -11.99 -27.63
N PRO C 135 -7.23 -12.79 -28.62
CA PRO C 135 -8.61 -13.29 -28.59
C PRO C 135 -8.94 -14.08 -27.33
N VAL C 136 -8.02 -14.91 -26.84
CA VAL C 136 -8.30 -15.74 -25.67
C VAL C 136 -8.37 -14.88 -24.42
N TYR C 137 -7.41 -13.99 -24.22
CA TYR C 137 -7.41 -13.17 -23.01
C TYR C 137 -8.49 -12.10 -23.06
N LYS C 138 -8.87 -11.63 -24.26
CA LYS C 138 -10.01 -10.73 -24.34
C LYS C 138 -11.28 -11.40 -23.83
N GLN C 139 -11.46 -12.68 -24.17
CA GLN C 139 -12.61 -13.42 -23.69
C GLN C 139 -12.58 -13.58 -22.18
N ILE C 140 -11.40 -13.86 -21.62
CA ILE C 140 -11.28 -14.04 -20.17
C ILE C 140 -11.62 -12.76 -19.45
N LYS C 141 -11.10 -11.63 -19.92
CA LYS C 141 -11.46 -10.35 -19.30
C LYS C 141 -12.95 -10.07 -19.44
N SER C 142 -13.50 -10.29 -20.63
CA SER C 142 -14.92 -10.06 -20.83
C SER C 142 -15.73 -10.92 -19.86
N LEU C 143 -15.40 -12.22 -19.81
CA LEU C 143 -16.09 -13.16 -18.93
C LEU C 143 -16.03 -12.70 -17.48
N PHE C 144 -14.85 -12.35 -16.97
CA PHE C 144 -14.75 -12.10 -15.54
C PHE C 144 -15.40 -10.78 -15.15
N LEU C 145 -15.28 -9.75 -16.01
CA LEU C 145 -16.05 -8.53 -15.79
C LEU C 145 -17.55 -8.82 -15.79
N ASP C 146 -18.03 -9.53 -16.82
CA ASP C 146 -19.44 -9.85 -16.95
C ASP C 146 -19.94 -10.64 -15.74
N PHE C 147 -19.11 -11.58 -15.28
CA PHE C 147 -19.52 -12.53 -14.25
C PHE C 147 -19.64 -11.86 -12.89
N PHE C 148 -18.64 -11.05 -12.50
CA PHE C 148 -18.56 -10.58 -11.12
C PHE C 148 -18.94 -9.12 -10.90
N ARG C 149 -19.20 -8.34 -11.94
CA ARG C 149 -19.39 -6.91 -11.71
C ARG C 149 -20.67 -6.62 -10.95
N GLY C 150 -21.69 -7.47 -11.07
CA GLY C 150 -22.89 -7.25 -10.29
C GLY C 150 -23.69 -6.07 -10.79
N GLU C 151 -24.45 -5.47 -9.86
CA GLU C 151 -25.37 -4.39 -10.20
C GLU C 151 -24.63 -3.20 -10.78
N SER C 152 -25.11 -2.70 -11.92
CA SER C 152 -24.53 -1.52 -12.55
C SER C 152 -25.35 -0.30 -12.14
N THR C 153 -24.72 0.62 -11.42
CA THR C 153 -25.36 1.80 -10.89
C THR C 153 -24.49 3.02 -11.19
N ASP C 154 -25.11 4.19 -11.14
CA ASP C 154 -24.37 5.43 -11.30
C ASP C 154 -23.97 6.06 -9.98
N LEU C 155 -24.31 5.43 -8.86
CA LEU C 155 -23.94 5.94 -7.54
C LEU C 155 -23.14 4.88 -6.80
N GLN C 156 -21.96 5.27 -6.33
CA GLN C 156 -21.06 4.37 -5.61
C GLN C 156 -20.74 4.96 -4.25
N ASP C 157 -21.05 4.23 -3.19
CA ASP C 157 -20.66 4.60 -1.85
C ASP C 157 -19.15 4.44 -1.71
N VAL C 158 -18.46 5.52 -1.34
CA VAL C 158 -17.02 5.43 -1.14
C VAL C 158 -16.71 4.40 -0.07
N ALA C 159 -17.54 4.33 0.96
CA ALA C 159 -17.36 3.38 2.05
C ALA C 159 -17.59 1.94 1.62
N GLY C 160 -18.21 1.71 0.46
CA GLY C 160 -18.43 0.38 -0.05
C GLY C 160 -17.29 -0.19 -0.86
N LEU C 161 -16.22 0.58 -1.07
CA LEU C 161 -15.05 0.05 -1.77
C LEU C 161 -14.32 -0.85 -0.80
N GLN C 162 -14.38 -2.16 -1.03
CA GLN C 162 -13.84 -3.12 -0.08
C GLN C 162 -12.77 -4.00 -0.74
N HIS C 163 -13.13 -4.75 -1.76
CA HIS C 163 -12.23 -5.76 -2.28
C HIS C 163 -12.01 -5.55 -3.77
N VAL C 164 -10.91 -6.13 -4.25
CA VAL C 164 -10.53 -6.05 -5.64
C VAL C 164 -10.32 -7.47 -6.17
N ILE C 165 -10.83 -7.73 -7.36
CA ILE C 165 -10.54 -8.95 -8.11
C ILE C 165 -9.39 -8.62 -9.04
N SER C 166 -8.24 -9.26 -8.82
CA SER C 166 -7.03 -8.96 -9.57
C SER C 166 -6.71 -10.15 -10.45
N MET C 167 -6.49 -9.90 -11.74
CA MET C 167 -6.21 -10.97 -12.69
C MET C 167 -4.97 -10.59 -13.49
N THR C 168 -3.97 -11.47 -13.45
CA THR C 168 -2.66 -11.20 -13.99
C THR C 168 -2.26 -12.35 -14.91
N ILE C 169 -1.82 -12.03 -16.12
CA ILE C 169 -1.30 -13.06 -17.00
C ILE C 169 0.10 -13.42 -16.52
N GLN C 170 0.42 -14.71 -16.51
CA GLN C 170 1.69 -15.18 -15.94
C GLN C 170 2.81 -14.95 -16.95
N GLY C 171 3.15 -13.67 -17.14
CA GLY C 171 4.22 -13.25 -18.02
C GLY C 171 3.75 -13.00 -19.45
N ASP C 172 4.45 -12.10 -20.14
CA ASP C 172 4.19 -11.87 -21.54
C ASP C 172 4.60 -13.10 -22.34
N PHE C 173 4.12 -13.17 -23.56
CA PHE C 173 4.35 -14.34 -24.39
C PHE C 173 4.27 -13.93 -25.85
N GLN C 174 4.91 -14.73 -26.69
CA GLN C 174 4.95 -14.47 -28.12
C GLN C 174 4.04 -15.46 -28.84
N ASP C 175 3.57 -15.05 -30.02
CA ASP C 175 2.73 -15.91 -30.83
C ASP C 175 3.45 -17.23 -31.10
N GLY C 176 2.73 -18.34 -30.93
CA GLY C 176 3.28 -19.66 -31.09
C GLY C 176 3.67 -20.34 -29.80
N GLU C 177 3.79 -19.61 -28.72
CA GLU C 177 4.11 -20.21 -27.44
C GLU C 177 2.83 -20.64 -26.73
N PRO C 178 2.90 -21.63 -25.82
CA PRO C 178 1.70 -21.98 -25.04
C PRO C 178 1.19 -20.78 -24.28
N LEU C 179 -0.13 -20.72 -24.11
CA LEU C 179 -0.73 -19.55 -23.47
C LEU C 179 -0.48 -19.58 -21.97
N PRO C 180 0.06 -18.51 -21.39
CA PRO C 180 0.35 -18.52 -19.95
C PRO C 180 -0.91 -18.58 -19.11
N ASN C 181 -0.76 -19.12 -17.90
CA ASN C 181 -1.85 -19.16 -16.93
C ASN C 181 -2.32 -17.75 -16.59
N VAL C 182 -3.55 -17.67 -16.07
CA VAL C 182 -4.10 -16.43 -15.54
C VAL C 182 -4.20 -16.55 -14.02
N LEU C 183 -3.66 -15.55 -13.33
CA LEU C 183 -3.51 -15.58 -11.87
C LEU C 183 -4.65 -14.75 -11.27
N PHE C 184 -5.58 -15.43 -10.60
CA PHE C 184 -6.76 -14.83 -9.99
C PHE C 184 -6.49 -14.61 -8.51
N ARG C 185 -6.60 -13.36 -8.05
CA ARG C 185 -6.37 -13.01 -6.65
C ARG C 185 -7.48 -12.09 -6.15
N VAL C 186 -7.79 -12.20 -4.86
CA VAL C 186 -8.76 -11.29 -4.26
C VAL C 186 -8.11 -10.65 -3.04
N TYR C 187 -8.10 -9.32 -3.01
CA TYR C 187 -7.54 -8.56 -1.90
C TYR C 187 -8.59 -7.61 -1.32
N LYS C 188 -8.40 -7.25 -0.06
CA LYS C 188 -9.24 -6.27 0.61
C LYS C 188 -8.38 -5.08 0.97
N LEU C 189 -8.98 -3.89 0.93
CA LEU C 189 -8.33 -2.69 1.45
C LEU C 189 -8.17 -2.78 2.96
N LYS C 190 -6.97 -2.46 3.46
CA LYS C 190 -6.79 -2.35 4.90
C LYS C 190 -7.73 -1.31 5.50
N SER C 191 -8.06 -0.27 4.72
CA SER C 191 -8.87 0.85 5.16
C SER C 191 -10.36 0.55 5.26
N TYR C 192 -10.81 -0.60 4.76
CA TYR C 192 -12.24 -0.87 4.72
C TYR C 192 -12.80 -0.96 6.14
N LYS C 193 -13.83 -0.14 6.40
CA LYS C 193 -14.52 -0.12 7.70
C LYS C 193 -13.56 0.21 8.85
N SER C 194 -12.57 1.06 8.58
CA SER C 194 -11.60 1.45 9.61
C SER C 194 -11.70 2.95 9.89
N GLY C 198 -11.38 6.49 5.73
CA GLY C 198 -11.58 7.81 5.18
C GLY C 198 -10.26 8.47 4.84
N LYS C 199 -9.54 8.92 5.87
CA LYS C 199 -8.20 9.48 5.76
C LYS C 199 -7.19 8.45 5.24
N ARG C 200 -7.65 7.23 4.96
CA ARG C 200 -6.80 6.10 4.59
C ARG C 200 -6.73 5.86 3.09
N LEU C 201 -7.66 6.41 2.30
CA LEU C 201 -7.66 6.23 0.85
C LEU C 201 -6.50 6.93 0.11
N PRO C 202 -5.89 8.01 0.62
CA PRO C 202 -4.73 8.57 -0.08
C PRO C 202 -3.57 7.59 -0.22
N ARG C 203 -3.35 6.71 0.78
CA ARG C 203 -2.25 5.73 0.76
C ARG C 203 -2.82 4.38 1.20
N ILE C 204 -3.29 3.60 0.23
CA ILE C 204 -3.97 2.35 0.56
C ILE C 204 -2.96 1.22 0.71
N GLU C 205 -3.43 0.12 1.30
CA GLU C 205 -2.71 -1.14 1.36
C GLU C 205 -3.71 -2.25 1.12
N LEU C 206 -3.19 -3.41 0.70
CA LEU C 206 -4.00 -4.57 0.37
C LEU C 206 -3.65 -5.73 1.29
N VAL C 207 -4.66 -6.54 1.62
CA VAL C 207 -4.47 -7.81 2.32
C VAL C 207 -5.20 -8.88 1.52
N GLU C 208 -4.52 -9.98 1.24
CA GLU C 208 -5.16 -11.05 0.46
C GLU C 208 -6.22 -11.76 1.30
N ILE C 209 -7.39 -11.97 0.71
CA ILE C 209 -8.44 -12.73 1.40
C ILE C 209 -8.79 -14.03 0.70
N GLY C 210 -8.40 -14.23 -0.55
CA GLY C 210 -8.69 -15.45 -1.24
C GLY C 210 -10.04 -15.43 -1.94
N PRO C 211 -10.33 -16.47 -2.74
CA PRO C 211 -9.43 -17.57 -3.02
C PRO C 211 -8.31 -17.19 -3.97
N ARG C 212 -7.23 -17.95 -3.89
CA ARG C 212 -6.07 -17.78 -4.77
C ARG C 212 -6.07 -18.92 -5.78
N LEU C 213 -6.19 -18.58 -7.05
CA LEU C 213 -6.38 -19.56 -8.10
C LEU C 213 -5.46 -19.23 -9.26
N ASP C 214 -4.69 -20.23 -9.72
CA ASP C 214 -3.93 -20.17 -10.97
C ASP C 214 -4.68 -21.00 -12.01
N PHE C 215 -5.22 -20.33 -13.04
CA PHE C 215 -6.05 -20.98 -14.06
C PHE C 215 -5.18 -21.38 -15.25
N LYS C 216 -5.18 -22.67 -15.59
CA LYS C 216 -4.61 -23.15 -16.84
C LYS C 216 -5.70 -23.21 -17.92
N ILE C 217 -5.43 -22.65 -19.09
CA ILE C 217 -6.44 -22.53 -20.12
C ILE C 217 -6.57 -23.84 -20.87
N GLY C 218 -7.81 -24.35 -20.98
CA GLY C 218 -8.08 -25.56 -21.74
C GLY C 218 -8.80 -25.26 -23.05
N ARG C 219 -9.88 -25.98 -23.31
CA ARG C 219 -10.59 -25.81 -24.57
C ARG C 219 -11.46 -24.55 -24.55
N ILE C 220 -11.74 -24.03 -25.74
CA ILE C 220 -12.52 -22.82 -25.90
C ILE C 220 -13.63 -23.06 -26.92
N HIS C 221 -14.80 -22.49 -26.66
CA HIS C 221 -15.89 -22.42 -27.61
C HIS C 221 -16.18 -20.95 -27.87
N THR C 222 -16.06 -20.52 -29.11
CA THR C 222 -16.27 -19.10 -29.41
C THR C 222 -17.55 -18.90 -30.21
N PRO C 223 -18.19 -17.74 -30.08
CA PRO C 223 -19.45 -17.50 -30.78
C PRO C 223 -19.24 -17.17 -32.25
N SER C 224 -20.27 -17.44 -33.04
CA SER C 224 -20.24 -17.07 -34.45
C SER C 224 -20.29 -15.55 -34.60
N PRO C 225 -19.77 -15.01 -35.70
CA PRO C 225 -19.94 -13.56 -35.95
C PRO C 225 -21.38 -13.10 -35.85
N ASP C 226 -22.34 -13.89 -36.34
CA ASP C 226 -23.74 -13.49 -36.26
C ASP C 226 -24.22 -13.37 -34.82
N MET C 227 -23.82 -14.32 -33.97
CA MET C 227 -24.24 -14.26 -32.57
C MET C 227 -23.58 -13.08 -31.86
N VAL C 228 -22.30 -12.83 -32.15
CA VAL C 228 -21.64 -11.65 -31.59
C VAL C 228 -22.41 -10.40 -31.98
N THR C 229 -22.81 -10.31 -33.24
CA THR C 229 -23.58 -9.15 -33.67
C THR C 229 -24.88 -9.02 -32.89
N GLU C 230 -25.62 -10.12 -32.75
CA GLU C 230 -26.88 -10.05 -32.03
C GLU C 230 -26.66 -9.72 -30.56
N ALA C 231 -25.65 -10.32 -29.94
CA ALA C 231 -25.43 -10.13 -28.50
C ALA C 231 -25.01 -8.71 -28.12
N HIS C 232 -24.51 -7.93 -29.09
CA HIS C 232 -24.08 -6.56 -28.81
C HIS C 232 -24.94 -5.53 -29.54
N LYS C 233 -26.16 -5.88 -29.95
CA LYS C 233 -26.98 -4.95 -30.72
C LYS C 233 -27.49 -3.79 -29.85
N LYS C 234 -27.83 -2.70 -30.52
CA LYS C 234 -28.23 -1.42 -29.91
C LYS C 234 -29.63 -1.44 -29.32
N GLY D 1 6.58 3.09 -20.33
CA GLY D 1 5.58 2.58 -19.41
C GLY D 1 4.17 3.06 -19.76
N PRO D 2 3.38 2.21 -20.39
CA PRO D 2 2.04 2.63 -20.82
C PRO D 2 1.21 3.08 -19.64
N GLU D 3 0.39 4.10 -19.87
CA GLU D 3 -0.49 4.59 -18.83
C GLU D 3 -1.68 3.65 -18.66
N ALA D 4 -2.13 3.50 -17.41
CA ALA D 4 -3.30 2.67 -17.13
C ALA D 4 -4.55 3.28 -17.77
N VAL D 5 -5.49 2.40 -18.11
CA VAL D 5 -6.75 2.74 -18.75
C VAL D 5 -7.88 2.33 -17.80
N TYR D 6 -8.92 3.16 -17.69
CA TYR D 6 -9.95 2.94 -16.68
C TYR D 6 -11.31 2.70 -17.33
N ASP D 7 -12.11 1.83 -16.66
CA ASP D 7 -13.55 1.68 -16.92
C ASP D 7 -14.22 1.89 -15.57
N LEU D 8 -14.35 3.16 -15.18
CA LEU D 8 -14.77 3.46 -13.82
C LEU D 8 -16.19 3.00 -13.53
N GLY D 9 -17.05 2.92 -14.56
CA GLY D 9 -18.40 2.42 -14.33
C GLY D 9 -18.41 0.97 -13.86
N ASN D 10 -17.39 0.21 -14.23
CA ASN D 10 -17.21 -1.16 -13.77
C ASN D 10 -16.16 -1.25 -12.66
N LEU D 11 -15.77 -0.11 -12.07
CA LEU D 11 -14.75 -0.03 -11.03
C LEU D 11 -13.48 -0.79 -11.44
N ALA D 12 -13.06 -0.61 -12.70
CA ALA D 12 -12.01 -1.43 -13.28
C ALA D 12 -10.84 -0.58 -13.78
N ALA D 13 -9.64 -1.14 -13.64
CA ALA D 13 -8.41 -0.55 -14.17
C ALA D 13 -7.66 -1.60 -14.97
N PHE D 14 -7.10 -1.18 -16.10
CA PHE D 14 -6.40 -2.06 -17.03
C PHE D 14 -4.96 -1.58 -17.20
N ASP D 15 -4.01 -2.48 -16.97
CA ASP D 15 -2.58 -2.17 -16.92
C ASP D 15 -1.88 -3.01 -17.99
N SER D 16 -1.30 -2.34 -19.00
CA SER D 16 -0.65 -3.04 -20.11
C SER D 16 0.86 -3.13 -19.95
N ASN D 17 1.40 -2.83 -18.77
CA ASN D 17 2.84 -2.88 -18.59
C ASN D 17 3.38 -4.29 -18.83
N VAL D 18 4.65 -4.34 -19.26
CA VAL D 18 5.33 -5.61 -19.50
C VAL D 18 5.33 -6.46 -18.24
N LEU D 19 5.08 -7.76 -18.41
CA LEU D 19 5.16 -8.74 -17.33
C LEU D 19 6.21 -9.80 -17.69
N ASP D 20 6.99 -10.22 -16.70
CA ASP D 20 8.07 -11.20 -16.92
C ASP D 20 7.65 -12.53 -16.34
N LYS D 21 7.64 -13.57 -17.19
CA LYS D 21 7.21 -14.88 -16.73
C LYS D 21 8.11 -15.43 -15.62
N ASN D 22 9.37 -14.98 -15.54
CA ASN D 22 10.22 -15.48 -14.47
C ASN D 22 9.88 -14.85 -13.12
N ASP D 23 9.36 -13.62 -13.12
CA ASP D 23 8.88 -13.02 -11.87
C ASP D 23 7.60 -13.69 -11.37
N LEU D 24 6.79 -14.23 -12.28
CA LEU D 24 5.44 -14.67 -11.90
C LEU D 24 5.26 -16.18 -11.97
N ASP D 25 6.27 -16.90 -12.46
CA ASP D 25 6.28 -18.35 -12.51
C ASP D 25 5.85 -18.94 -11.17
N SER D 26 5.12 -20.06 -11.24
CA SER D 26 4.67 -20.73 -10.02
C SER D 26 5.82 -21.13 -9.11
N SER D 27 7.02 -21.30 -9.67
CA SER D 27 8.20 -21.64 -8.91
C SER D 27 8.95 -20.42 -8.36
N ASN D 28 8.59 -19.21 -8.77
CA ASN D 28 9.28 -18.05 -8.23
C ASN D 28 8.87 -17.85 -6.77
N ALA D 29 9.86 -17.83 -5.88
CA ALA D 29 9.58 -17.90 -4.45
C ALA D 29 8.79 -16.68 -3.97
N ARG D 30 9.07 -15.51 -4.53
CA ARG D 30 8.45 -14.27 -4.06
C ARG D 30 7.33 -13.77 -4.97
N ARG D 31 6.67 -14.67 -5.71
CA ARG D 31 5.69 -14.25 -6.72
C ARG D 31 4.49 -13.55 -6.09
N GLU D 32 4.05 -13.97 -4.90
CA GLU D 32 2.83 -13.42 -4.33
C GLU D 32 3.02 -11.98 -3.84
N GLU D 33 4.19 -11.68 -3.28
CA GLU D 33 4.53 -10.30 -2.90
C GLU D 33 4.53 -9.40 -4.11
N LYS D 34 5.02 -9.90 -5.24
CA LYS D 34 5.05 -9.11 -6.46
C LYS D 34 3.64 -8.83 -6.98
N ILE D 35 2.79 -9.85 -6.98
CA ILE D 35 1.45 -9.69 -7.54
C ILE D 35 0.66 -8.72 -6.69
N LYS D 36 0.79 -8.84 -5.36
CA LYS D 36 0.07 -7.93 -4.47
C LYS D 36 0.56 -6.50 -4.63
N SER D 37 1.86 -6.31 -4.86
CA SER D 37 2.38 -4.95 -5.01
C SER D 37 1.90 -4.32 -6.33
N LEU D 38 1.98 -5.08 -7.43
CA LEU D 38 1.43 -4.60 -8.69
C LEU D 38 -0.04 -4.23 -8.55
N THR D 39 -0.80 -5.11 -7.90
CA THR D 39 -2.23 -4.84 -7.73
C THR D 39 -2.45 -3.61 -6.86
N ARG D 40 -1.69 -3.48 -5.76
CA ARG D 40 -1.96 -2.36 -4.85
C ARG D 40 -1.78 -1.05 -5.57
N ASP D 41 -0.72 -0.95 -6.36
CA ASP D 41 -0.44 0.32 -7.02
C ASP D 41 -1.52 0.63 -8.06
N ASN D 42 -2.02 -0.40 -8.76
CA ASN D 42 -3.11 -0.17 -9.72
C ASN D 42 -4.41 0.18 -9.01
N VAL D 43 -4.64 -0.41 -7.83
CA VAL D 43 -5.83 -0.04 -7.07
C VAL D 43 -5.71 1.38 -6.54
N GLN D 44 -4.50 1.81 -6.16
CA GLN D 44 -4.33 3.21 -5.73
C GLN D 44 -4.69 4.16 -6.86
N LEU D 45 -4.20 3.89 -8.07
CA LEU D 45 -4.51 4.76 -9.19
C LEU D 45 -6.01 4.76 -9.50
N LEU D 46 -6.63 3.58 -9.43
CA LEU D 46 -8.07 3.46 -9.65
C LEU D 46 -8.86 4.26 -8.62
N ILE D 47 -8.49 4.13 -7.34
CA ILE D 47 -9.19 4.86 -6.30
C ILE D 47 -8.96 6.36 -6.45
N ASN D 48 -7.75 6.78 -6.84
CA ASN D 48 -7.52 8.20 -7.11
C ASN D 48 -8.46 8.72 -8.20
N GLN D 49 -8.64 7.93 -9.26
CA GLN D 49 -9.57 8.29 -10.34
C GLN D 49 -11.00 8.35 -9.82
N LEU D 50 -11.42 7.33 -9.07
CA LEU D 50 -12.78 7.34 -8.53
C LEU D 50 -13.03 8.56 -7.66
N LEU D 51 -12.07 8.92 -6.80
CA LEU D 51 -12.28 10.04 -5.89
C LEU D 51 -12.25 11.39 -6.57
N SER D 52 -11.90 11.48 -7.85
CA SER D 52 -12.02 12.73 -8.58
C SER D 52 -13.37 12.90 -9.28
N LEU D 53 -14.22 11.88 -9.21
CA LEU D 53 -15.55 11.94 -9.82
C LEU D 53 -16.45 12.90 -9.05
N PRO D 54 -17.50 13.41 -9.69
CA PRO D 54 -18.48 14.22 -8.96
C PRO D 54 -19.00 13.46 -7.74
N MET D 55 -19.07 14.14 -6.60
CA MET D 55 -19.51 13.47 -5.38
C MET D 55 -20.52 14.31 -4.62
N LYS D 56 -21.25 13.62 -3.74
CA LYS D 56 -22.29 14.20 -2.90
C LYS D 56 -22.17 13.60 -1.50
N THR D 57 -22.49 14.38 -0.48
CA THR D 57 -22.22 14.00 0.90
C THR D 57 -23.48 14.09 1.75
N THR D 58 -24.45 13.23 1.46
CA THR D 58 -25.67 13.15 2.27
C THR D 58 -25.35 12.69 3.69
N MET D 72 -22.19 10.03 4.75
CA MET D 72 -22.10 9.21 3.55
C MET D 72 -21.61 10.01 2.35
N THR D 73 -20.56 9.53 1.71
CA THR D 73 -20.05 10.15 0.48
C THR D 73 -20.32 9.22 -0.70
N LEU D 74 -20.98 9.77 -1.72
CA LEU D 74 -21.43 9.00 -2.88
C LEU D 74 -20.79 9.55 -4.14
N LEU D 75 -20.26 8.66 -4.96
CA LEU D 75 -19.63 9.02 -6.22
C LEU D 75 -20.62 8.84 -7.35
N GLN D 76 -20.51 9.69 -8.36
CA GLN D 76 -21.32 9.56 -9.57
C GLN D 76 -20.49 8.84 -10.62
N LEU D 77 -20.77 7.55 -10.81
CA LEU D 77 -19.99 6.77 -11.76
C LEU D 77 -20.41 7.08 -13.19
N PRO D 78 -19.45 7.18 -14.11
CA PRO D 78 -19.81 7.18 -15.53
C PRO D 78 -20.40 5.84 -15.91
N ASP D 79 -21.10 5.82 -17.05
CA ASP D 79 -21.63 4.55 -17.55
C ASP D 79 -20.48 3.60 -17.87
N PRO D 80 -20.65 2.30 -17.63
CA PRO D 80 -19.64 1.32 -18.03
C PRO D 80 -19.34 1.43 -19.53
N THR D 81 -18.06 1.26 -19.87
CA THR D 81 -17.59 1.40 -21.25
C THR D 81 -17.20 0.08 -21.91
N THR D 82 -16.79 -0.92 -21.15
CA THR D 82 -16.42 -2.19 -21.76
C THR D 82 -17.67 -2.81 -22.39
N ASP D 83 -17.55 -3.20 -23.65
CA ASP D 83 -18.68 -3.79 -24.37
C ASP D 83 -18.81 -5.25 -23.96
N LEU D 84 -19.94 -5.60 -23.36
CA LEU D 84 -20.19 -6.96 -22.91
C LEU D 84 -21.44 -7.53 -23.56
N PRO D 85 -21.47 -8.84 -23.83
CA PRO D 85 -22.66 -9.41 -24.48
C PRO D 85 -23.88 -9.37 -23.58
N ARG D 86 -25.02 -9.03 -24.19
CA ARG D 86 -26.29 -9.14 -23.51
C ARG D 86 -26.62 -10.60 -23.23
N GLU D 87 -27.49 -10.84 -22.25
CA GLU D 87 -27.91 -12.21 -22.00
C GLU D 87 -29.10 -12.63 -22.86
N LYS D 88 -29.86 -11.68 -23.40
CA LYS D 88 -31.08 -11.96 -24.15
C LYS D 88 -31.19 -11.03 -25.34
N PRO D 89 -31.81 -11.46 -26.44
CA PRO D 89 -32.05 -10.57 -27.58
C PRO D 89 -32.92 -9.38 -27.18
N LEU D 90 -32.78 -8.31 -27.95
CA LEU D 90 -33.57 -7.11 -27.71
C LEU D 90 -35.06 -7.40 -27.88
N PRO D 91 -35.93 -6.86 -26.99
CA PRO D 91 -37.38 -7.04 -27.10
C PRO D 91 -37.99 -6.27 -28.27
#